data_8Q1O
#
_entry.id   8Q1O
#
_cell.length_a   133.194
_cell.length_b   43.854
_cell.length_c   86.384
_cell.angle_alpha   90.000
_cell.angle_beta   95.498
_cell.angle_gamma   90.000
#
_symmetry.space_group_name_H-M   'C 1 2 1'
#
loop_
_entity.id
_entity.type
_entity.pdbx_description
1 polymer S-layer
2 non-polymer 'PHOSPHATE ION'
3 water water
#
_entity_poly.entity_id   1
_entity_poly.type   'polypeptide(L)'
_entity_poly.pdbx_seq_one_letter_code
;DVNTNIVLGGTTAPAVKGDVNVTSNVQAITSPQTTTIDNQTGAVTYSNWDGKVNGTVTATYNGQSYTATLNETAGKENSR
VTPWYTQDGGKTWNVLKKDGGVYRLEPAGKYQLSVNNVSFNFGTANANKKNITLTSSNGVQFRENGQWKDSIKVSTDQNG
AVSQPLTLLIPITPVDVTNAKS
;
_entity_poly.pdbx_strand_id   A,B
#
# COMPACT_ATOMS: atom_id res chain seq x y z
N ASP A 1 21.25 10.93 32.94
CA ASP A 1 22.33 11.95 32.96
C ASP A 1 21.70 13.32 33.27
N VAL A 2 22.37 14.08 34.15
CA VAL A 2 21.98 15.41 34.55
C VAL A 2 22.18 16.34 33.37
N ASN A 3 21.25 17.28 33.17
CA ASN A 3 21.40 18.23 32.08
C ASN A 3 22.12 19.46 32.62
N THR A 4 23.36 19.67 32.17
CA THR A 4 24.23 20.72 32.68
C THR A 4 24.41 21.81 31.62
N ASN A 5 24.31 21.43 30.33
CA ASN A 5 25.01 22.07 29.23
C ASN A 5 24.08 22.92 28.36
N ILE A 6 24.49 24.19 28.17
CA ILE A 6 23.64 25.24 27.66
C ILE A 6 23.81 25.31 26.16
N VAL A 7 23.09 24.44 25.46
CA VAL A 7 23.15 24.42 24.01
C VAL A 7 22.02 25.31 23.51
N LEU A 8 22.26 25.96 22.38
CA LEU A 8 21.42 27.01 21.84
C LEU A 8 20.09 26.43 21.33
N GLY A 9 20.03 25.10 21.18
CA GLY A 9 18.84 24.38 20.79
C GLY A 9 17.64 24.55 21.74
N GLY A 10 17.88 24.83 23.03
CA GLY A 10 16.81 25.13 23.97
C GLY A 10 16.58 24.00 24.99
N THR A 11 17.68 23.41 25.46
CA THR A 11 17.71 22.34 26.46
C THR A 11 16.70 21.22 26.22
N THR A 12 16.98 20.43 25.20
CA THR A 12 16.24 19.24 24.84
C THR A 12 16.74 18.06 25.68
N ALA A 13 15.97 16.97 25.69
CA ALA A 13 16.44 15.70 26.26
C ALA A 13 17.76 15.32 25.59
N PRO A 14 18.63 14.53 26.25
CA PRO A 14 19.86 14.05 25.60
C PRO A 14 19.56 12.98 24.57
N ALA A 15 20.57 12.68 23.74
CA ALA A 15 20.47 11.67 22.70
C ALA A 15 21.07 10.35 23.17
N VAL A 16 21.31 10.20 24.48
CA VAL A 16 21.76 8.93 25.08
C VAL A 16 20.58 7.94 25.05
N LYS A 17 20.83 6.71 24.56
CA LYS A 17 19.73 5.84 24.17
C LYS A 17 20.26 4.43 23.91
N GLY A 18 19.35 3.54 23.51
CA GLY A 18 19.67 2.30 22.80
C GLY A 18 19.77 1.06 23.71
N ASP A 19 18.72 0.24 23.73
CA ASP A 19 18.79 -1.07 24.36
C ASP A 19 19.19 -2.10 23.31
N VAL A 20 18.44 -2.08 22.19
CA VAL A 20 18.61 -3.01 21.08
C VAL A 20 19.19 -2.21 19.92
N ASN A 21 20.30 -2.69 19.34
CA ASN A 21 21.00 -1.93 18.32
C ASN A 21 20.74 -2.54 16.94
N VAL A 22 19.71 -2.03 16.24
CA VAL A 22 19.21 -2.63 15.02
C VAL A 22 20.09 -2.20 13.86
N THR A 23 20.61 -3.16 13.08
CA THR A 23 21.59 -2.84 12.05
C THR A 23 21.23 -3.56 10.77
N SER A 24 21.01 -2.80 9.69
CA SER A 24 20.73 -3.41 8.40
C SER A 24 22.01 -4.08 7.89
N ASN A 25 21.89 -5.32 7.43
CA ASN A 25 22.94 -5.97 6.66
C ASN A 25 22.37 -6.30 5.28
N VAL A 26 21.74 -5.28 4.68
CA VAL A 26 21.10 -5.43 3.39
C VAL A 26 21.98 -4.78 2.34
N GLN A 27 22.15 -5.48 1.21
CA GLN A 27 23.09 -5.08 0.17
C GLN A 27 22.37 -5.17 -1.18
N ALA A 28 22.63 -4.19 -2.07
CA ALA A 28 21.93 -4.08 -3.35
C ALA A 28 22.92 -3.99 -4.50
N ILE A 29 22.59 -4.64 -5.61
CA ILE A 29 23.50 -4.88 -6.71
C ILE A 29 22.73 -4.69 -8.01
N THR A 30 23.33 -4.05 -9.02
CA THR A 30 22.64 -3.86 -10.29
C THR A 30 23.61 -4.00 -11.46
N SER A 31 23.08 -4.47 -12.59
CA SER A 31 23.83 -4.56 -13.82
C SER A 31 23.00 -3.96 -14.96
N PRO A 32 23.64 -3.32 -15.97
CA PRO A 32 22.91 -2.91 -17.17
C PRO A 32 22.67 -4.14 -18.03
N GLN A 33 21.50 -4.21 -18.66
CA GLN A 33 21.18 -5.26 -19.60
C GLN A 33 21.72 -4.89 -20.98
N THR A 34 21.93 -3.59 -21.22
CA THR A 34 22.26 -3.10 -22.55
C THR A 34 23.23 -1.91 -22.48
N THR A 35 24.40 -2.06 -23.07
CA THR A 35 25.36 -0.96 -23.11
C THR A 35 25.58 -0.56 -24.57
N THR A 36 25.62 0.75 -24.81
CA THR A 36 25.75 1.29 -26.16
C THR A 36 26.86 2.33 -26.19
N ILE A 37 27.21 2.77 -27.39
CA ILE A 37 28.32 3.65 -27.60
C ILE A 37 28.20 4.27 -29.00
N ASP A 38 28.77 5.46 -29.20
CA ASP A 38 29.12 5.90 -30.55
C ASP A 38 30.60 5.61 -30.76
N ASN A 39 30.89 4.91 -31.86
CA ASN A 39 32.25 4.53 -32.24
C ASN A 39 33.07 5.73 -32.71
N GLN A 40 32.39 6.85 -33.02
CA GLN A 40 33.03 8.12 -33.38
C GLN A 40 33.82 8.67 -32.19
N THR A 41 33.49 8.19 -30.98
CA THR A 41 34.20 8.52 -29.77
C THR A 41 34.46 7.20 -29.02
N GLY A 42 34.87 7.30 -27.75
CA GLY A 42 34.86 6.15 -26.85
C GLY A 42 33.79 6.32 -25.77
N ALA A 43 32.69 6.99 -26.14
CA ALA A 43 31.61 7.36 -25.22
C ALA A 43 30.63 6.20 -25.03
N VAL A 44 30.94 5.36 -24.03
CA VAL A 44 30.09 4.25 -23.63
C VAL A 44 28.81 4.79 -23.00
N THR A 45 27.76 3.94 -22.97
CA THR A 45 26.53 4.24 -22.26
C THR A 45 25.90 2.95 -21.73
N TYR A 46 25.92 2.80 -20.41
CA TYR A 46 25.29 1.67 -19.74
C TYR A 46 23.83 2.03 -19.51
N SER A 47 22.91 1.05 -19.70
CA SER A 47 21.48 1.34 -19.69
C SER A 47 20.69 0.06 -19.47
N ASN A 48 19.37 0.20 -19.23
CA ASN A 48 18.48 -0.94 -18.98
C ASN A 48 18.94 -1.70 -17.74
N TRP A 49 18.86 -1.05 -16.57
CA TRP A 49 19.45 -1.58 -15.35
C TRP A 49 18.58 -2.71 -14.77
N ASP A 50 19.21 -3.66 -14.06
CA ASP A 50 18.53 -4.83 -13.51
C ASP A 50 19.01 -5.06 -12.07
N GLY A 51 18.19 -4.59 -11.12
CA GLY A 51 18.53 -4.61 -9.71
C GLY A 51 18.12 -5.91 -9.00
N LYS A 52 18.88 -6.23 -7.95
CA LYS A 52 18.58 -7.30 -7.01
C LYS A 52 19.10 -6.85 -5.64
N VAL A 53 18.50 -7.37 -4.56
CA VAL A 53 18.88 -6.91 -3.23
C VAL A 53 18.72 -8.07 -2.25
N ASN A 54 19.70 -8.23 -1.36
CA ASN A 54 19.75 -9.34 -0.42
C ASN A 54 20.34 -8.89 0.91
N GLY A 55 20.14 -9.70 1.94
CA GLY A 55 20.72 -9.46 3.26
C GLY A 55 19.73 -9.74 4.38
N THR A 56 20.04 -9.21 5.58
CA THR A 56 19.12 -9.32 6.71
C THR A 56 19.34 -8.19 7.71
N VAL A 57 18.46 -8.13 8.73
CA VAL A 57 18.56 -7.16 9.79
C VAL A 57 18.94 -7.87 11.09
N THR A 58 20.09 -7.50 11.65
CA THR A 58 20.52 -8.06 12.91
C THR A 58 20.24 -7.03 14.00
N ALA A 59 20.29 -7.48 15.26
CA ALA A 59 20.03 -6.62 16.39
C ALA A 59 20.87 -7.10 17.56
N THR A 60 21.73 -6.23 18.09
CA THR A 60 22.53 -6.57 19.25
C THR A 60 21.77 -6.10 20.48
N TYR A 61 21.66 -6.99 21.48
CA TYR A 61 20.87 -6.73 22.66
C TYR A 61 21.35 -7.61 23.81
N ASN A 62 21.76 -6.97 24.90
CA ASN A 62 22.27 -7.64 26.09
C ASN A 62 23.43 -8.56 25.71
N GLY A 63 24.27 -8.09 24.75
CA GLY A 63 25.48 -8.80 24.38
C GLY A 63 25.24 -10.04 23.51
N GLN A 64 23.99 -10.22 23.05
CA GLN A 64 23.62 -11.31 22.17
C GLN A 64 23.13 -10.71 20.87
N SER A 65 23.47 -11.36 19.75
CA SER A 65 23.08 -10.89 18.43
C SER A 65 21.98 -11.75 17.87
N TYR A 66 20.85 -11.09 17.57
CA TYR A 66 19.65 -11.71 17.04
C TYR A 66 19.45 -11.24 15.60
N THR A 67 18.59 -11.97 14.88
CA THR A 67 18.32 -11.73 13.49
C THR A 67 16.81 -11.63 13.28
N ALA A 68 16.38 -10.67 12.46
CA ALA A 68 14.96 -10.40 12.27
C ALA A 68 14.29 -11.56 11.55
N THR A 69 13.03 -11.82 11.92
CA THR A 69 12.23 -12.86 11.31
C THR A 69 11.15 -12.22 10.44
N LEU A 70 11.05 -12.73 9.20
CA LEU A 70 10.00 -12.38 8.27
C LEU A 70 8.91 -13.44 8.32
N ASN A 71 7.77 -13.13 7.70
CA ASN A 71 6.60 -14.00 7.68
C ASN A 71 6.39 -14.55 6.27
N GLU A 72 6.42 -15.89 6.13
CA GLU A 72 6.42 -16.51 4.81
C GLU A 72 5.02 -17.00 4.44
N THR A 73 3.98 -16.51 5.15
CA THR A 73 2.59 -16.84 4.83
C THR A 73 2.06 -15.80 3.87
N ALA A 74 0.92 -16.10 3.24
CA ALA A 74 0.50 -15.43 2.02
C ALA A 74 -0.69 -14.49 2.24
N GLY A 75 -1.04 -14.20 3.49
CA GLY A 75 -2.17 -13.33 3.78
C GLY A 75 -1.81 -11.85 3.69
N LYS A 76 -2.61 -11.00 4.37
CA LYS A 76 -2.35 -9.57 4.46
C LYS A 76 -1.14 -9.32 5.36
N GLU A 77 -0.75 -10.37 6.11
CA GLU A 77 0.25 -10.25 7.16
C GLU A 77 1.58 -10.79 6.67
N ASN A 78 1.69 -10.98 5.35
CA ASN A 78 2.95 -11.29 4.71
C ASN A 78 3.89 -10.10 4.86
N SER A 79 5.10 -10.38 5.35
CA SER A 79 6.09 -9.33 5.52
C SER A 79 6.60 -8.90 4.15
N ARG A 80 5.91 -7.93 3.56
CA ARG A 80 6.06 -7.63 2.15
C ARG A 80 7.17 -6.59 1.93
N VAL A 81 8.23 -7.05 1.25
CA VAL A 81 9.33 -6.20 0.82
C VAL A 81 8.92 -5.37 -0.39
N THR A 82 8.91 -4.05 -0.19
CA THR A 82 8.42 -3.07 -1.15
C THR A 82 9.48 -2.03 -1.42
N PRO A 83 10.06 -1.94 -2.64
CA PRO A 83 11.11 -0.96 -2.93
C PRO A 83 10.60 0.44 -3.28
N TRP A 84 11.19 1.47 -2.64
CA TRP A 84 10.76 2.85 -2.78
C TRP A 84 11.88 3.73 -3.37
N TYR A 85 11.51 4.69 -4.24
CA TYR A 85 12.48 5.61 -4.86
C TYR A 85 11.97 7.05 -4.81
N THR A 86 12.91 8.03 -4.84
CA THR A 86 12.61 9.45 -4.93
C THR A 86 13.30 10.03 -6.18
N GLN A 87 12.55 10.80 -6.98
CA GLN A 87 13.16 11.61 -8.03
C GLN A 87 13.67 12.93 -7.47
N ASP A 88 13.21 13.28 -6.25
CA ASP A 88 13.40 14.61 -5.68
C ASP A 88 14.70 14.62 -4.89
N GLY A 89 14.70 15.33 -3.75
CA GLY A 89 15.68 15.10 -2.68
C GLY A 89 15.06 14.37 -1.48
N GLY A 90 14.13 13.45 -1.78
CA GLY A 90 13.35 12.77 -0.76
C GLY A 90 12.11 13.59 -0.35
N LYS A 91 11.67 14.47 -1.25
CA LYS A 91 10.50 15.30 -1.01
C LYS A 91 9.26 14.41 -1.10
N THR A 92 9.24 13.50 -2.08
CA THR A 92 8.29 12.40 -2.07
C THR A 92 9.07 11.11 -2.34
N TRP A 93 8.29 10.01 -2.45
CA TRP A 93 8.81 8.66 -2.48
C TRP A 93 7.77 7.74 -3.09
N ASN A 94 8.09 7.13 -4.23
CA ASN A 94 7.12 6.35 -4.99
C ASN A 94 7.56 4.89 -5.09
N VAL A 95 6.59 3.97 -5.15
CA VAL A 95 6.90 2.54 -5.18
C VAL A 95 7.35 2.16 -6.59
N LEU A 96 8.42 1.35 -6.69
CA LEU A 96 8.87 0.81 -7.97
C LEU A 96 7.91 -0.26 -8.48
N LYS A 97 7.28 0.02 -9.61
CA LYS A 97 6.66 -1.00 -10.44
C LYS A 97 7.77 -1.82 -11.11
N LYS A 98 7.46 -3.08 -11.46
CA LYS A 98 8.37 -3.88 -12.26
C LYS A 98 8.32 -3.44 -13.72
N ASP A 99 9.48 -3.12 -14.28
CA ASP A 99 9.59 -2.74 -15.67
C ASP A 99 10.34 -3.87 -16.38
N GLY A 100 9.83 -4.30 -17.53
CA GLY A 100 10.39 -5.44 -18.21
C GLY A 100 10.65 -6.60 -17.24
N GLY A 101 9.84 -6.63 -16.16
CA GLY A 101 9.87 -7.71 -15.19
C GLY A 101 11.11 -7.70 -14.30
N VAL A 102 11.77 -6.54 -14.16
CA VAL A 102 12.87 -6.43 -13.20
C VAL A 102 12.78 -5.07 -12.51
N TYR A 103 13.46 -4.98 -11.37
CA TYR A 103 13.50 -3.73 -10.62
C TYR A 103 14.68 -2.93 -11.15
N ARG A 104 14.38 -1.82 -11.83
CA ARG A 104 15.40 -0.93 -12.35
C ARG A 104 16.04 -0.14 -11.21
N LEU A 105 17.14 -0.65 -10.66
CA LEU A 105 17.88 0.08 -9.63
C LEU A 105 19.12 0.73 -10.23
N GLU A 106 19.04 2.04 -10.47
CA GLU A 106 20.02 2.75 -11.26
C GLU A 106 21.15 3.22 -10.35
N PRO A 107 22.42 3.10 -10.79
CA PRO A 107 23.58 3.18 -9.90
C PRO A 107 23.72 4.58 -9.29
N ALA A 108 24.17 4.63 -8.03
CA ALA A 108 23.81 5.75 -7.17
C ALA A 108 22.28 5.82 -7.14
N GLY A 109 21.68 7.01 -7.30
CA GLY A 109 20.28 7.17 -6.97
C GLY A 109 19.96 6.63 -5.58
N LYS A 110 18.85 7.11 -4.98
CA LYS A 110 18.54 6.80 -3.59
C LYS A 110 17.28 5.94 -3.53
N TYR A 111 17.34 4.88 -2.71
CA TYR A 111 16.28 3.89 -2.60
C TYR A 111 15.99 3.60 -1.13
N GLN A 112 14.78 3.10 -0.82
CA GLN A 112 14.44 2.63 0.51
C GLN A 112 13.59 1.36 0.43
N LEU A 113 13.88 0.38 1.31
CA LEU A 113 13.07 -0.83 1.44
C LEU A 113 12.13 -0.74 2.65
N SER A 114 10.88 -1.13 2.41
CA SER A 114 9.84 -1.19 3.41
C SER A 114 9.40 -2.65 3.59
N VAL A 115 9.48 -3.14 4.83
CA VAL A 115 9.14 -4.52 5.13
C VAL A 115 8.38 -4.53 6.45
N ASN A 116 7.11 -4.93 6.35
CA ASN A 116 6.20 -5.04 7.48
C ASN A 116 6.33 -6.43 8.13
N ASN A 117 5.58 -6.65 9.22
CA ASN A 117 5.44 -7.95 9.86
C ASN A 117 6.78 -8.61 10.16
N VAL A 118 7.78 -7.77 10.45
CA VAL A 118 9.07 -8.22 10.94
C VAL A 118 8.90 -8.66 12.38
N SER A 119 9.85 -9.44 12.89
CA SER A 119 9.90 -9.64 14.33
C SER A 119 11.31 -9.98 14.77
N PHE A 120 11.42 -10.31 16.06
CA PHE A 120 12.62 -10.88 16.64
C PHE A 120 12.20 -11.87 17.73
N ASN A 121 12.97 -12.94 17.90
CA ASN A 121 12.82 -13.86 19.02
C ASN A 121 14.02 -13.69 19.95
N PHE A 122 13.81 -12.94 21.03
CA PHE A 122 14.90 -12.61 21.93
C PHE A 122 15.09 -13.72 22.95
N GLY A 123 14.25 -14.77 22.91
CA GLY A 123 14.48 -15.96 23.72
C GLY A 123 13.76 -15.89 25.07
N THR A 124 13.46 -17.06 25.65
CA THR A 124 12.75 -17.08 26.92
C THR A 124 13.53 -16.27 27.93
N ALA A 125 14.86 -16.26 27.80
CA ALA A 125 15.70 -15.40 28.62
C ALA A 125 15.19 -13.95 28.71
N ASN A 126 14.53 -13.44 27.67
CA ASN A 126 14.12 -12.04 27.61
C ASN A 126 12.61 -11.89 27.58
N ALA A 127 11.89 -12.82 28.21
CA ALA A 127 10.43 -12.78 28.22
C ALA A 127 9.90 -11.64 29.09
N ASN A 128 8.67 -11.21 28.77
CA ASN A 128 7.85 -10.43 29.67
C ASN A 128 8.54 -9.10 30.02
N LYS A 129 9.44 -8.63 29.16
CA LYS A 129 10.17 -7.39 29.40
C LYS A 129 9.41 -6.23 28.77
N LYS A 130 9.52 -5.06 29.40
CA LYS A 130 8.80 -3.87 29.01
C LYS A 130 9.82 -2.81 28.64
N ASN A 131 9.38 -1.84 27.83
CA ASN A 131 10.23 -0.75 27.38
C ASN A 131 11.62 -1.30 27.05
N ILE A 132 11.63 -2.10 25.98
CA ILE A 132 12.85 -2.33 25.22
C ILE A 132 12.91 -1.20 24.20
N THR A 133 14.04 -0.52 24.11
CA THR A 133 14.12 0.59 23.18
C THR A 133 15.04 0.21 22.02
N LEU A 134 14.46 0.26 20.81
CA LEU A 134 15.13 -0.09 19.57
C LEU A 134 15.73 1.17 18.94
N THR A 135 17.03 1.15 18.67
CA THR A 135 17.72 2.21 17.95
C THR A 135 18.48 1.60 16.78
N SER A 136 18.72 2.42 15.74
CA SER A 136 19.46 1.98 14.58
C SER A 136 20.93 2.33 14.73
N SER A 137 21.77 1.41 14.29
CA SER A 137 23.19 1.65 14.10
C SER A 137 23.41 2.39 12.76
N ASN A 138 22.60 2.11 11.73
CA ASN A 138 22.89 2.59 10.38
C ASN A 138 21.62 2.91 9.59
N GLY A 139 20.86 3.91 10.06
CA GLY A 139 19.82 4.54 9.25
C GLY A 139 18.57 3.70 9.02
N VAL A 140 18.37 2.65 9.84
CA VAL A 140 17.12 1.93 9.83
C VAL A 140 16.09 2.75 10.59
N GLN A 141 14.85 2.78 10.07
CA GLN A 141 13.77 3.49 10.73
C GLN A 141 12.64 2.52 11.04
N PHE A 142 11.84 2.88 12.07
CA PHE A 142 10.77 2.05 12.57
C PHE A 142 9.47 2.80 12.42
N ARG A 143 8.38 2.10 12.05
CA ARG A 143 7.10 2.74 11.80
C ARG A 143 6.29 2.80 13.09
N GLU A 144 5.70 3.97 13.39
CA GLU A 144 4.90 4.11 14.59
C GLU A 144 4.00 5.34 14.44
N ASN A 145 2.73 5.15 14.81
CA ASN A 145 1.75 6.21 14.80
C ASN A 145 1.74 6.88 13.42
N GLY A 146 1.78 6.08 12.36
CA GLY A 146 1.55 6.55 11.00
C GLY A 146 2.72 7.32 10.39
N GLN A 147 3.94 7.13 10.93
CA GLN A 147 5.06 7.99 10.57
C GLN A 147 6.40 7.37 10.98
N TRP A 148 7.45 7.55 10.16
CA TRP A 148 8.74 6.92 10.42
C TRP A 148 9.44 7.62 11.58
N LYS A 149 10.27 6.85 12.31
CA LYS A 149 10.83 7.29 13.57
C LYS A 149 12.19 6.61 13.72
N ASP A 150 13.09 7.29 14.42
CA ASP A 150 14.46 6.84 14.54
C ASP A 150 14.56 5.75 15.62
N SER A 151 13.60 5.69 16.54
CA SER A 151 13.57 4.67 17.58
C SER A 151 12.14 4.40 18.06
N ILE A 152 11.95 3.23 18.67
CA ILE A 152 10.63 2.75 19.08
C ILE A 152 10.82 1.91 20.34
N LYS A 153 9.75 1.78 21.13
CA LYS A 153 9.78 0.96 22.34
C LYS A 153 8.90 -0.28 22.15
N VAL A 154 9.45 -1.46 22.46
CA VAL A 154 8.73 -2.72 22.29
C VAL A 154 8.70 -3.45 23.62
N SER A 155 7.69 -4.33 23.77
CA SER A 155 7.67 -5.25 24.90
C SER A 155 7.68 -6.68 24.38
N THR A 156 8.30 -7.58 25.16
CA THR A 156 8.34 -8.97 24.80
C THR A 156 7.16 -9.69 25.45
N ASP A 157 6.69 -10.74 24.76
CA ASP A 157 5.61 -11.60 25.22
C ASP A 157 6.20 -12.69 26.12
N GLN A 158 5.35 -13.64 26.53
CA GLN A 158 5.73 -14.68 27.47
C GLN A 158 6.91 -15.51 26.96
N ASN A 159 7.14 -15.56 25.63
CA ASN A 159 8.17 -16.39 25.04
C ASN A 159 9.48 -15.65 24.82
N GLY A 160 9.42 -14.31 24.77
CA GLY A 160 10.59 -13.48 24.49
C GLY A 160 10.56 -12.84 23.11
N ALA A 161 9.48 -13.06 22.35
CA ALA A 161 9.32 -12.45 21.03
C ALA A 161 8.74 -11.05 21.21
N VAL A 162 9.10 -10.13 20.31
CA VAL A 162 8.46 -8.83 20.33
C VAL A 162 6.96 -9.03 20.17
N SER A 163 6.19 -8.50 21.12
CA SER A 163 4.81 -8.92 21.31
C SER A 163 3.97 -8.51 20.11
N GLN A 164 4.31 -7.39 19.47
CA GLN A 164 3.57 -6.94 18.29
C GLN A 164 4.51 -6.81 17.08
N PRO A 165 4.02 -7.10 15.85
CA PRO A 165 4.86 -7.02 14.66
C PRO A 165 5.39 -5.61 14.36
N LEU A 166 6.68 -5.55 13.99
CA LEU A 166 7.35 -4.34 13.54
C LEU A 166 7.12 -4.08 12.06
N THR A 167 7.58 -2.90 11.60
CA THR A 167 7.64 -2.54 10.20
C THR A 167 8.83 -1.61 10.00
N LEU A 168 9.75 -1.98 9.11
CA LEU A 168 11.03 -1.32 9.02
C LEU A 168 11.18 -0.56 7.71
N LEU A 169 12.06 0.45 7.74
CA LEU A 169 12.53 1.12 6.54
C LEU A 169 14.04 0.99 6.48
N ILE A 170 14.54 0.38 5.40
CA ILE A 170 15.95 0.08 5.26
C ILE A 170 16.48 0.94 4.12
N PRO A 171 17.59 1.70 4.32
CA PRO A 171 18.27 2.36 3.22
C PRO A 171 18.93 1.37 2.27
N ILE A 172 19.06 1.79 1.02
CA ILE A 172 19.68 1.02 -0.05
C ILE A 172 20.50 2.00 -0.89
N THR A 173 21.73 1.61 -1.18
CA THR A 173 22.55 2.29 -2.18
C THR A 173 23.24 1.17 -2.94
N PRO A 174 22.86 0.87 -4.20
CA PRO A 174 23.47 -0.26 -4.91
C PRO A 174 24.95 -0.05 -5.21
N VAL A 175 25.66 -1.17 -5.24
CA VAL A 175 26.90 -1.34 -5.97
C VAL A 175 26.50 -1.70 -7.41
N ASP A 176 27.45 -1.65 -8.33
CA ASP A 176 27.20 -2.05 -9.70
C ASP A 176 28.26 -3.04 -10.15
N VAL A 177 28.08 -3.60 -11.34
CA VAL A 177 29.17 -4.25 -12.06
C VAL A 177 30.22 -3.20 -12.42
N THR A 178 31.36 -3.64 -12.97
CA THR A 178 32.42 -2.76 -13.44
C THR A 178 33.14 -2.14 -12.23
N ASP B 1 -31.58 -23.49 -12.68
CA ASP B 1 -30.44 -24.30 -12.14
C ASP B 1 -30.63 -25.76 -12.58
N VAL B 2 -30.33 -26.01 -13.86
CA VAL B 2 -30.13 -27.33 -14.43
C VAL B 2 -29.66 -27.14 -15.86
N ASN B 3 -28.62 -27.88 -16.26
CA ASN B 3 -27.97 -27.56 -17.52
C ASN B 3 -28.57 -28.41 -18.63
N THR B 4 -29.22 -27.72 -19.56
CA THR B 4 -29.84 -28.34 -20.73
C THR B 4 -29.03 -28.04 -21.97
N ASN B 5 -28.31 -26.89 -21.96
CA ASN B 5 -27.97 -26.13 -23.17
C ASN B 5 -26.47 -26.20 -23.50
N ILE B 6 -26.18 -26.59 -24.74
CA ILE B 6 -24.84 -26.91 -25.20
C ILE B 6 -24.15 -25.66 -25.70
N VAL B 7 -23.45 -24.95 -24.82
CA VAL B 7 -22.64 -23.82 -25.23
C VAL B 7 -21.24 -24.31 -25.57
N LEU B 8 -20.60 -23.68 -26.56
CA LEU B 8 -19.17 -23.78 -26.76
C LEU B 8 -18.48 -23.27 -25.49
N GLY B 9 -17.27 -23.80 -25.23
CA GLY B 9 -16.50 -23.42 -24.06
C GLY B 9 -16.90 -24.25 -22.84
N GLY B 10 -16.90 -25.58 -23.02
CA GLY B 10 -17.22 -26.51 -21.95
C GLY B 10 -18.69 -26.44 -21.55
N THR B 11 -18.98 -26.90 -20.34
CA THR B 11 -20.23 -26.52 -19.71
C THR B 11 -19.94 -26.16 -18.27
N THR B 12 -20.53 -25.06 -17.83
CA THR B 12 -20.17 -24.39 -16.59
C THR B 12 -21.43 -23.84 -15.95
N ALA B 13 -21.36 -23.64 -14.63
CA ALA B 13 -22.49 -23.16 -13.86
C ALA B 13 -22.93 -21.81 -14.43
N PRO B 14 -24.19 -21.39 -14.23
CA PRO B 14 -24.63 -20.06 -14.64
C PRO B 14 -24.02 -18.96 -13.75
N ALA B 15 -24.12 -17.71 -14.22
CA ALA B 15 -23.52 -16.58 -13.54
C ALA B 15 -24.56 -15.82 -12.71
N VAL B 16 -25.86 -16.09 -12.95
CA VAL B 16 -26.94 -15.34 -12.33
C VAL B 16 -27.05 -15.73 -10.86
N LYS B 17 -27.10 -14.71 -9.99
CA LYS B 17 -27.19 -14.84 -8.55
C LYS B 17 -27.22 -13.45 -7.92
N GLY B 18 -27.06 -13.39 -6.60
CA GLY B 18 -26.89 -12.13 -5.91
C GLY B 18 -27.83 -12.06 -4.72
N ASP B 19 -27.37 -12.56 -3.58
CA ASP B 19 -28.14 -12.46 -2.35
C ASP B 19 -28.21 -10.99 -1.96
N VAL B 20 -27.07 -10.31 -2.01
CA VAL B 20 -27.02 -8.89 -1.69
C VAL B 20 -26.35 -8.15 -2.85
N ASN B 21 -27.05 -7.15 -3.38
CA ASN B 21 -26.67 -6.57 -4.67
C ASN B 21 -26.08 -5.18 -4.47
N VAL B 22 -24.74 -5.10 -4.48
CA VAL B 22 -23.98 -3.89 -4.21
C VAL B 22 -24.00 -2.94 -5.41
N THR B 23 -24.25 -1.66 -5.16
CA THR B 23 -24.15 -0.64 -6.19
C THR B 23 -23.28 0.50 -5.70
N SER B 24 -22.21 0.82 -6.44
CA SER B 24 -21.50 2.06 -6.23
C SER B 24 -22.43 3.23 -6.56
N ASN B 25 -22.50 4.22 -5.68
CA ASN B 25 -23.12 5.49 -6.00
C ASN B 25 -22.06 6.56 -5.86
N VAL B 26 -20.88 6.30 -6.45
CA VAL B 26 -19.76 7.21 -6.39
C VAL B 26 -19.67 7.96 -7.71
N GLN B 27 -19.50 9.29 -7.63
CA GLN B 27 -19.42 10.15 -8.79
C GLN B 27 -18.16 11.03 -8.70
N ALA B 28 -17.56 11.27 -9.87
CA ALA B 28 -16.30 11.99 -10.00
C ALA B 28 -16.44 13.13 -11.01
N ILE B 29 -15.85 14.28 -10.67
CA ILE B 29 -16.02 15.50 -11.44
C ILE B 29 -14.70 16.25 -11.39
N THR B 30 -14.35 16.96 -12.47
CA THR B 30 -13.05 17.62 -12.56
C THR B 30 -13.19 18.92 -13.35
N SER B 31 -12.32 19.88 -13.03
CA SER B 31 -12.21 21.13 -13.77
C SER B 31 -10.75 21.43 -14.03
N PRO B 32 -10.39 22.04 -15.17
CA PRO B 32 -9.05 22.57 -15.34
C PRO B 32 -8.94 23.88 -14.57
N GLN B 33 -7.78 24.08 -13.92
CA GLN B 33 -7.50 25.30 -13.18
C GLN B 33 -6.92 26.35 -14.11
N THR B 34 -6.39 25.94 -15.28
CA THR B 34 -5.94 26.88 -16.28
C THR B 34 -6.36 26.44 -17.69
N THR B 35 -7.24 27.27 -18.29
CA THR B 35 -7.73 27.16 -19.66
C THR B 35 -6.99 28.17 -20.52
N THR B 36 -6.35 27.72 -21.61
CA THR B 36 -5.47 28.58 -22.40
C THR B 36 -5.81 28.43 -23.87
N ILE B 37 -5.24 29.30 -24.70
CA ILE B 37 -5.78 29.47 -26.04
C ILE B 37 -4.67 29.90 -27.02
N ASP B 38 -4.72 29.30 -28.21
CA ASP B 38 -3.81 29.61 -29.30
C ASP B 38 -4.63 30.44 -30.29
N ASN B 39 -4.39 31.76 -30.32
CA ASN B 39 -5.27 32.68 -31.02
C ASN B 39 -5.03 32.65 -32.54
N GLN B 40 -3.88 32.09 -32.95
CA GLN B 40 -3.54 31.93 -34.35
C GLN B 40 -4.38 30.81 -34.97
N THR B 41 -4.89 29.90 -34.13
CA THR B 41 -5.85 28.91 -34.59
C THR B 41 -7.22 29.17 -33.95
N GLY B 42 -7.25 29.64 -32.68
CA GLY B 42 -8.47 29.66 -31.90
C GLY B 42 -8.71 28.35 -31.14
N ALA B 43 -7.66 27.53 -31.03
CA ALA B 43 -7.72 26.22 -30.41
C ALA B 43 -7.42 26.35 -28.91
N VAL B 44 -8.46 26.17 -28.10
CA VAL B 44 -8.36 26.21 -26.65
C VAL B 44 -7.57 25.00 -26.13
N THR B 45 -7.04 25.10 -24.91
CA THR B 45 -6.31 23.99 -24.30
C THR B 45 -6.50 24.00 -22.77
N TYR B 46 -7.18 22.95 -22.28
CA TYR B 46 -7.45 22.80 -20.86
C TYR B 46 -6.25 22.14 -20.18
N SER B 47 -5.93 22.58 -18.96
CA SER B 47 -4.80 22.02 -18.23
C SER B 47 -4.91 22.30 -16.73
N ASN B 48 -4.05 21.64 -15.93
CA ASN B 48 -4.05 21.76 -14.48
C ASN B 48 -5.40 21.29 -13.92
N TRP B 49 -5.67 20.00 -14.07
CA TRP B 49 -6.97 19.44 -13.68
C TRP B 49 -7.10 19.33 -12.16
N ASP B 50 -8.35 19.40 -11.67
CA ASP B 50 -8.64 19.36 -10.25
C ASP B 50 -9.86 18.49 -10.00
N GLY B 51 -9.60 17.23 -9.65
CA GLY B 51 -10.61 16.21 -9.46
C GLY B 51 -11.17 16.18 -8.04
N LYS B 52 -12.42 15.76 -7.95
CA LYS B 52 -13.10 15.52 -6.69
C LYS B 52 -14.03 14.34 -6.91
N VAL B 53 -14.19 13.53 -5.85
CA VAL B 53 -15.06 12.36 -5.88
C VAL B 53 -15.94 12.37 -4.65
N ASN B 54 -17.15 11.84 -4.84
CA ASN B 54 -18.12 11.83 -3.78
C ASN B 54 -19.16 10.75 -4.06
N GLY B 55 -19.84 10.31 -3.01
CA GLY B 55 -20.93 9.36 -3.14
C GLY B 55 -20.95 8.33 -2.01
N THR B 56 -21.56 7.16 -2.25
CA THR B 56 -21.70 6.10 -1.25
C THR B 56 -21.81 4.74 -1.93
N VAL B 57 -21.72 3.65 -1.16
CA VAL B 57 -22.04 2.32 -1.67
C VAL B 57 -23.30 1.81 -0.98
N THR B 58 -24.34 1.51 -1.76
CA THR B 58 -25.55 0.94 -1.21
C THR B 58 -25.58 -0.55 -1.56
N ALA B 59 -26.51 -1.30 -0.94
CA ALA B 59 -26.67 -2.73 -1.19
C ALA B 59 -28.10 -3.16 -0.90
N THR B 60 -28.73 -3.86 -1.85
CA THR B 60 -30.05 -4.43 -1.65
C THR B 60 -29.91 -5.85 -1.09
N TYR B 61 -30.69 -6.14 -0.03
CA TYR B 61 -30.73 -7.47 0.55
C TYR B 61 -32.09 -7.72 1.20
N ASN B 62 -32.77 -8.75 0.69
CA ASN B 62 -34.05 -9.20 1.21
C ASN B 62 -35.04 -8.05 1.24
N GLY B 63 -35.03 -7.29 0.13
CA GLY B 63 -36.02 -6.26 -0.10
C GLY B 63 -35.73 -4.95 0.63
N GLN B 64 -34.59 -4.90 1.34
CA GLN B 64 -34.21 -3.70 2.10
C GLN B 64 -32.89 -3.17 1.57
N SER B 65 -32.76 -1.84 1.52
CA SER B 65 -31.55 -1.19 1.01
C SER B 65 -30.72 -0.61 2.14
N TYR B 66 -29.48 -1.11 2.21
CA TYR B 66 -28.52 -0.75 3.25
C TYR B 66 -27.37 0.04 2.61
N THR B 67 -26.57 0.68 3.46
CA THR B 67 -25.51 1.58 3.03
C THR B 67 -24.22 1.20 3.73
N ALA B 68 -23.11 1.21 2.98
CA ALA B 68 -21.82 0.80 3.51
C ALA B 68 -21.33 1.78 4.59
N THR B 69 -20.65 1.23 5.59
CA THR B 69 -20.04 2.01 6.65
C THR B 69 -18.53 1.96 6.49
N LEU B 70 -17.89 3.15 6.58
CA LEU B 70 -16.44 3.24 6.62
C LEU B 70 -15.99 3.32 8.07
N ASN B 71 -14.67 3.17 8.28
CA ASN B 71 -14.07 3.22 9.60
C ASN B 71 -13.29 4.52 9.76
N GLU B 72 -13.57 5.29 10.82
CA GLU B 72 -13.01 6.61 10.97
C GLU B 72 -11.71 6.63 11.76
N THR B 73 -11.33 5.50 12.38
CA THR B 73 -10.29 5.52 13.40
C THR B 73 -8.93 5.83 12.79
N ALA B 74 -8.19 6.70 13.46
CA ALA B 74 -6.81 6.99 13.11
C ALA B 74 -5.98 5.74 13.42
N GLY B 75 -5.52 5.04 12.38
CA GLY B 75 -4.74 3.82 12.60
C GLY B 75 -4.72 2.91 11.38
N LYS B 76 -4.27 1.66 11.60
CA LYS B 76 -4.12 0.68 10.54
C LYS B 76 -5.48 0.16 10.11
N GLU B 77 -6.53 0.54 10.84
CA GLU B 77 -7.87 -0.01 10.68
C GLU B 77 -8.69 0.86 9.73
N ASN B 78 -8.11 1.98 9.31
CA ASN B 78 -8.87 3.07 8.71
C ASN B 78 -9.23 2.74 7.27
N SER B 79 -10.49 2.95 6.88
CA SER B 79 -10.92 2.75 5.51
C SER B 79 -10.21 3.75 4.60
N ARG B 80 -9.06 3.33 4.07
CA ARG B 80 -8.16 4.16 3.29
C ARG B 80 -8.63 4.22 1.83
N VAL B 81 -9.17 5.37 1.42
CA VAL B 81 -9.54 5.64 0.04
C VAL B 81 -8.29 6.02 -0.74
N THR B 82 -7.93 5.18 -1.72
CA THR B 82 -6.73 5.34 -2.53
C THR B 82 -7.10 5.37 -4.01
N PRO B 83 -6.88 6.50 -4.70
CA PRO B 83 -7.19 6.61 -6.13
C PRO B 83 -6.12 5.96 -6.99
N TRP B 84 -6.52 5.49 -8.15
CA TRP B 84 -5.86 4.37 -8.77
C TRP B 84 -5.99 4.51 -10.29
N TYR B 85 -4.88 4.52 -11.04
CA TYR B 85 -4.93 4.78 -12.47
C TYR B 85 -4.09 3.77 -13.25
N THR B 86 -4.53 3.51 -14.49
CA THR B 86 -3.84 2.63 -15.42
C THR B 86 -3.33 3.46 -16.59
N GLN B 87 -2.04 3.32 -16.86
CA GLN B 87 -1.38 4.05 -17.94
C GLN B 87 -1.57 3.25 -19.22
N ASP B 88 -2.51 3.76 -20.05
CA ASP B 88 -2.86 3.21 -21.34
C ASP B 88 -3.84 2.05 -21.18
N GLY B 89 -3.51 1.03 -20.38
CA GLY B 89 -4.53 0.04 -20.02
C GLY B 89 -3.96 -1.22 -19.40
N GLY B 90 -4.81 -1.87 -18.59
CA GLY B 90 -4.67 -3.29 -18.30
C GLY B 90 -3.75 -3.55 -17.11
N LYS B 91 -2.55 -4.04 -17.41
CA LYS B 91 -1.66 -4.60 -16.40
C LYS B 91 -1.11 -3.46 -15.52
N THR B 92 -0.78 -2.34 -16.18
CA THR B 92 -0.45 -1.11 -15.49
C THR B 92 -1.57 -0.74 -14.51
N TRP B 93 -1.23 -0.47 -13.22
CA TRP B 93 -2.13 0.17 -12.28
C TRP B 93 -1.37 0.78 -11.12
N ASN B 94 -1.37 2.12 -10.97
CA ASN B 94 -0.52 2.81 -10.00
C ASN B 94 -1.32 3.83 -9.19
N VAL B 95 -0.82 4.19 -8.00
CA VAL B 95 -1.50 5.08 -7.08
C VAL B 95 -1.39 6.52 -7.58
N LEU B 96 -2.52 7.24 -7.57
CA LEU B 96 -2.55 8.62 -8.03
C LEU B 96 -2.03 9.52 -6.93
N LYS B 97 -0.92 10.20 -7.17
CA LYS B 97 -0.33 11.05 -6.17
C LYS B 97 -0.86 12.48 -6.36
N LYS B 98 -0.84 13.26 -5.28
CA LYS B 98 -1.29 14.64 -5.29
C LYS B 98 -0.26 15.54 -5.96
N ASP B 99 -0.67 16.28 -6.99
CA ASP B 99 0.18 17.26 -7.63
C ASP B 99 -0.42 18.64 -7.39
N GLY B 100 0.42 19.65 -7.24
CA GLY B 100 -0.05 20.94 -6.77
C GLY B 100 -0.98 20.78 -5.58
N GLY B 101 -0.81 19.65 -4.86
CA GLY B 101 -1.57 19.35 -3.66
C GLY B 101 -3.04 19.01 -3.93
N VAL B 102 -3.42 18.65 -5.16
CA VAL B 102 -4.78 18.25 -5.45
C VAL B 102 -4.78 17.08 -6.42
N TYR B 103 -5.91 16.38 -6.49
CA TYR B 103 -5.97 15.14 -7.27
C TYR B 103 -6.46 15.49 -8.67
N ARG B 104 -5.53 15.57 -9.63
CA ARG B 104 -5.86 15.91 -11.01
C ARG B 104 -6.43 14.66 -11.68
N LEU B 105 -7.68 14.74 -12.14
CA LEU B 105 -8.31 13.64 -12.87
C LEU B 105 -8.73 14.11 -14.26
N GLU B 106 -8.12 13.58 -15.32
CA GLU B 106 -8.42 14.06 -16.66
C GLU B 106 -9.63 13.34 -17.22
N PRO B 107 -10.56 14.03 -17.91
CA PRO B 107 -11.85 13.45 -18.32
C PRO B 107 -11.75 12.25 -19.27
N ALA B 108 -10.54 11.95 -19.73
CA ALA B 108 -10.32 10.75 -20.51
C ALA B 108 -10.43 9.50 -19.63
N GLY B 109 -10.34 9.68 -18.30
CA GLY B 109 -10.83 8.66 -17.36
C GLY B 109 -9.83 7.53 -17.14
N LYS B 110 -10.38 6.31 -16.93
CA LYS B 110 -9.66 5.11 -16.55
C LYS B 110 -9.09 5.25 -15.14
N TYR B 111 -9.98 5.25 -14.15
CA TYR B 111 -9.65 5.36 -12.75
C TYR B 111 -10.39 4.30 -11.94
N GLN B 112 -9.86 3.92 -10.78
CA GLN B 112 -10.55 3.06 -9.81
C GLN B 112 -10.28 3.54 -8.38
N LEU B 113 -11.30 3.45 -7.50
CA LEU B 113 -11.12 3.70 -6.07
C LEU B 113 -11.01 2.38 -5.31
N SER B 114 -10.06 2.38 -4.37
CA SER B 114 -9.82 1.27 -3.48
C SER B 114 -10.06 1.69 -2.03
N VAL B 115 -10.92 0.95 -1.32
CA VAL B 115 -11.33 1.31 0.04
C VAL B 115 -11.49 0.04 0.87
N ASN B 116 -10.67 -0.07 1.93
CA ASN B 116 -10.68 -1.18 2.86
C ASN B 116 -11.59 -0.90 4.06
N ASN B 117 -11.73 -1.90 4.94
CA ASN B 117 -12.41 -1.80 6.23
C ASN B 117 -13.82 -1.22 6.08
N VAL B 118 -14.46 -1.53 4.95
CA VAL B 118 -15.85 -1.22 4.73
C VAL B 118 -16.69 -2.18 5.56
N SER B 119 -17.96 -1.87 5.80
CA SER B 119 -18.87 -2.86 6.32
C SER B 119 -20.32 -2.56 5.94
N PHE B 120 -21.22 -3.35 6.52
CA PHE B 120 -22.65 -3.10 6.46
C PHE B 120 -23.28 -3.57 7.77
N ASN B 121 -24.34 -2.88 8.19
CA ASN B 121 -25.20 -3.31 9.29
C ASN B 121 -26.54 -3.75 8.69
N PHE B 122 -26.72 -5.06 8.58
CA PHE B 122 -27.91 -5.59 7.93
C PHE B 122 -29.06 -5.71 8.93
N GLY B 123 -28.80 -5.34 10.18
CA GLY B 123 -29.84 -5.29 11.19
C GLY B 123 -29.89 -6.59 11.99
N THR B 124 -30.36 -6.45 13.24
CA THR B 124 -30.57 -7.59 14.11
C THR B 124 -31.36 -8.66 13.35
N ALA B 125 -32.33 -8.20 12.55
CA ALA B 125 -33.12 -9.09 11.73
C ALA B 125 -32.28 -10.08 10.92
N ASN B 126 -31.03 -9.74 10.56
CA ASN B 126 -30.24 -10.58 9.67
C ASN B 126 -29.01 -11.14 10.39
N ALA B 127 -29.14 -11.40 11.69
CA ALA B 127 -28.04 -11.95 12.45
C ALA B 127 -27.77 -13.41 12.08
N ASN B 128 -26.52 -13.83 12.36
CA ASN B 128 -26.16 -15.21 12.56
C ASN B 128 -26.41 -16.02 11.29
N LYS B 129 -26.35 -15.36 10.12
CA LYS B 129 -26.56 -16.03 8.85
C LYS B 129 -25.21 -16.39 8.25
N LYS B 130 -25.16 -17.51 7.51
CA LYS B 130 -23.96 -18.34 7.45
C LYS B 130 -23.20 -18.16 6.13
N ASN B 131 -23.90 -18.13 4.99
CA ASN B 131 -23.23 -17.88 3.71
C ASN B 131 -24.10 -17.05 2.78
N ILE B 132 -23.70 -15.78 2.61
CA ILE B 132 -24.39 -14.79 1.81
C ILE B 132 -23.48 -14.42 0.65
N THR B 133 -24.08 -14.35 -0.55
CA THR B 133 -23.38 -14.06 -1.79
C THR B 133 -23.54 -12.57 -2.14
N LEU B 134 -22.38 -11.89 -2.21
CA LEU B 134 -22.29 -10.49 -2.59
C LEU B 134 -22.03 -10.39 -4.09
N THR B 135 -22.88 -9.60 -4.76
CA THR B 135 -22.71 -9.24 -6.17
C THR B 135 -22.79 -7.72 -6.30
N SER B 136 -22.22 -7.20 -7.39
CA SER B 136 -22.40 -5.81 -7.78
C SER B 136 -23.35 -5.76 -8.97
N SER B 137 -24.18 -4.70 -9.00
CA SER B 137 -24.95 -4.42 -10.21
C SER B 137 -24.21 -3.41 -11.10
N ASN B 138 -23.10 -2.78 -10.66
CA ASN B 138 -22.37 -1.88 -11.54
C ASN B 138 -20.86 -1.90 -11.28
N GLY B 139 -20.23 -3.07 -11.46
CA GLY B 139 -18.79 -3.16 -11.63
C GLY B 139 -17.97 -2.93 -10.35
N VAL B 140 -18.59 -3.00 -9.17
CA VAL B 140 -17.83 -3.01 -7.94
C VAL B 140 -17.23 -4.40 -7.76
N GLN B 141 -15.97 -4.45 -7.31
CA GLN B 141 -15.32 -5.73 -7.07
C GLN B 141 -14.90 -5.83 -5.61
N PHE B 142 -14.77 -7.07 -5.13
CA PHE B 142 -14.46 -7.35 -3.74
C PHE B 142 -13.13 -8.10 -3.69
N ARG B 143 -12.31 -7.80 -2.68
CA ARG B 143 -10.98 -8.37 -2.53
C ARG B 143 -11.06 -9.70 -1.78
N GLU B 144 -10.36 -10.72 -2.30
CA GLU B 144 -10.15 -11.96 -1.56
C GLU B 144 -9.00 -12.75 -2.17
N ASN B 145 -8.18 -13.39 -1.32
CA ASN B 145 -7.07 -14.22 -1.75
C ASN B 145 -6.19 -13.42 -2.70
N GLY B 146 -5.92 -12.16 -2.33
CA GLY B 146 -4.91 -11.34 -2.99
C GLY B 146 -5.33 -10.81 -4.35
N GLN B 147 -6.63 -10.81 -4.68
CA GLN B 147 -7.08 -10.50 -6.03
C GLN B 147 -8.58 -10.18 -6.06
N TRP B 148 -8.96 -9.23 -6.93
CA TRP B 148 -10.33 -8.75 -7.02
C TRP B 148 -11.18 -9.79 -7.73
N LYS B 149 -12.47 -9.82 -7.40
CA LYS B 149 -13.45 -10.65 -8.08
C LYS B 149 -14.82 -10.00 -7.96
N ASP B 150 -15.78 -10.37 -8.81
CA ASP B 150 -17.07 -9.71 -8.80
C ASP B 150 -17.99 -10.31 -7.73
N SER B 151 -17.62 -11.41 -7.05
CA SER B 151 -18.45 -11.94 -5.99
C SER B 151 -17.66 -12.49 -4.81
N ILE B 152 -18.30 -12.47 -3.63
CA ILE B 152 -17.68 -12.92 -2.39
C ILE B 152 -18.78 -13.50 -1.51
N LYS B 153 -18.40 -14.39 -0.58
CA LYS B 153 -19.31 -14.96 0.40
C LYS B 153 -18.98 -14.45 1.80
N VAL B 154 -19.99 -13.91 2.51
CA VAL B 154 -19.81 -13.37 3.84
C VAL B 154 -20.91 -13.87 4.75
N SER B 155 -20.65 -13.80 6.06
CA SER B 155 -21.59 -14.22 7.08
C SER B 155 -21.83 -13.08 8.05
N THR B 156 -23.01 -13.06 8.68
CA THR B 156 -23.35 -12.03 9.64
C THR B 156 -23.04 -12.53 11.05
N ASP B 157 -22.67 -11.58 11.92
CA ASP B 157 -22.36 -11.85 13.33
C ASP B 157 -23.65 -11.78 14.15
N GLN B 158 -23.52 -11.85 15.48
CA GLN B 158 -24.67 -11.93 16.36
C GLN B 158 -25.60 -10.73 16.21
N ASN B 159 -25.06 -9.59 15.73
CA ASN B 159 -25.77 -8.32 15.67
C ASN B 159 -26.41 -8.09 14.30
N GLY B 160 -25.90 -8.78 13.26
CA GLY B 160 -26.39 -8.60 11.90
C GLY B 160 -25.39 -7.87 11.00
N ALA B 161 -24.21 -7.55 11.53
CA ALA B 161 -23.16 -6.89 10.76
C ALA B 161 -22.37 -7.95 10.02
N VAL B 162 -21.84 -7.59 8.85
CA VAL B 162 -20.90 -8.44 8.17
C VAL B 162 -19.73 -8.76 9.11
N SER B 163 -19.46 -10.05 9.30
CA SER B 163 -18.60 -10.50 10.38
C SER B 163 -17.19 -9.93 10.26
N GLN B 164 -16.72 -9.75 9.03
CA GLN B 164 -15.32 -9.42 8.78
C GLN B 164 -15.26 -8.17 7.91
N PRO B 165 -14.17 -7.36 7.95
CA PRO B 165 -14.05 -6.19 7.08
C PRO B 165 -14.00 -6.53 5.59
N LEU B 166 -14.77 -5.79 4.79
CA LEU B 166 -14.69 -5.84 3.33
C LEU B 166 -13.59 -4.91 2.83
N THR B 167 -13.24 -5.08 1.54
CA THR B 167 -12.34 -4.17 0.83
C THR B 167 -12.75 -4.11 -0.64
N LEU B 168 -13.05 -2.92 -1.14
CA LEU B 168 -13.75 -2.77 -2.39
C LEU B 168 -12.88 -2.10 -3.45
N LEU B 169 -13.21 -2.37 -4.72
CA LEU B 169 -12.73 -1.57 -5.83
C LEU B 169 -13.90 -0.98 -6.59
N ILE B 170 -13.93 0.35 -6.69
CA ILE B 170 -15.07 1.06 -7.27
C ILE B 170 -14.60 1.71 -8.56
N PRO B 171 -15.27 1.48 -9.71
CA PRO B 171 -14.98 2.23 -10.92
C PRO B 171 -15.54 3.65 -10.82
N ILE B 172 -14.89 4.57 -11.55
CA ILE B 172 -15.36 5.93 -11.73
C ILE B 172 -14.87 6.40 -13.10
N THR B 173 -15.72 7.19 -13.77
CA THR B 173 -15.34 7.91 -14.97
C THR B 173 -15.78 9.36 -14.76
N PRO B 174 -14.85 10.30 -14.56
CA PRO B 174 -15.21 11.69 -14.25
C PRO B 174 -15.90 12.41 -15.40
N VAL B 175 -16.57 13.52 -15.06
CA VAL B 175 -17.14 14.38 -16.09
C VAL B 175 -16.50 15.76 -15.98
N ASP B 176 -16.51 16.51 -17.09
CA ASP B 176 -15.90 17.83 -17.15
C ASP B 176 -16.97 18.85 -16.81
N VAL B 177 -16.63 19.79 -15.92
CA VAL B 177 -17.51 20.88 -15.56
C VAL B 177 -16.85 22.19 -15.98
N THR B 178 -17.58 23.00 -16.76
CA THR B 178 -17.02 24.21 -17.37
C THR B 178 -16.95 25.32 -16.31
#